data_4UVT
#
_entry.id   4UVT
#
_cell.length_a   91.540
_cell.length_b   97.620
_cell.length_c   118.070
_cell.angle_alpha   90.00
_cell.angle_beta   90.00
_cell.angle_gamma   90.00
#
_symmetry.space_group_name_H-M   'C 2 2 21'
#
loop_
_entity.id
_entity.type
_entity.pdbx_description
1 polymer TANKYRASE-2
2 non-polymer 'ZINC ION'
3 non-polymer 'SULFATE ION'
4 non-polymer GLYCEROL
5 non-polymer DI(HYDROXYETHYL)ETHER
6 non-polymer 5-amino-4-methylisoquinolin-1(2H)-one
7 water water
#
_entity_poly.entity_id   1
_entity_poly.type   'polypeptide(L)'
_entity_poly.pdbx_seq_one_letter_code
;MHHHHHHSSGVDLGTENLYFQSMLNTSGSGTILIDLSPDDKEFQSVEEEMQSTVREHRDGGHAGGIFNRYNILKIQKVCN
KKLWERYTHRRKEVSEENHNHANERMLFHGSPFVNAIIHKGFDERHAYIGGMFGAGIYFAENSSKSNQYVYGIGGGTGCP
VHKDRSCYICHRQLLFCRVTLGKSFLQFSAMKMAHSPPGHHSVTGRPSVNGLALAEYVIYRGEQAYPEYLITYQIMRPEG
;
_entity_poly.pdbx_strand_id   A,C
#
loop_
_chem_comp.id
_chem_comp.type
_chem_comp.name
_chem_comp.formula
G1O non-polymer 5-amino-4-methylisoquinolin-1(2H)-one 'C10 H10 N2 O'
GOL non-polymer GLYCEROL 'C3 H8 O3'
PEG non-polymer DI(HYDROXYETHYL)ETHER 'C4 H10 O3'
SO4 non-polymer 'SULFATE ION' 'O4 S -2'
ZN non-polymer 'ZINC ION' 'Zn 2'
#
# COMPACT_ATOMS: atom_id res chain seq x y z
N GLY A 30 32.67 14.01 13.21
CA GLY A 30 32.16 14.12 14.61
C GLY A 30 31.64 12.80 15.17
N THR A 31 31.35 11.83 14.30
CA THR A 31 30.69 10.60 14.74
C THR A 31 31.70 9.53 15.14
N ILE A 32 31.55 9.00 16.34
CA ILE A 32 32.23 7.77 16.68
C ILE A 32 31.26 6.63 16.95
N LEU A 33 31.66 5.43 16.54
CA LEU A 33 30.89 4.21 16.75
C LEU A 33 31.54 3.36 17.81
N ILE A 34 30.77 3.08 18.87
CA ILE A 34 31.21 2.21 19.95
C ILE A 34 30.51 0.87 19.90
N ASP A 35 31.31 -0.18 19.75
CA ASP A 35 30.81 -1.53 19.67
CA ASP A 35 30.83 -1.56 19.70
C ASP A 35 30.28 -1.96 21.04
N LEU A 36 29.07 -2.52 21.06
CA LEU A 36 28.52 -3.07 22.29
C LEU A 36 28.86 -4.54 22.37
N SER A 37 29.14 -5.00 23.57
CA SER A 37 29.36 -6.41 23.80
C SER A 37 28.04 -7.17 23.80
N PRO A 38 28.00 -8.40 23.25
CA PRO A 38 26.79 -9.21 23.37
C PRO A 38 26.36 -9.52 24.81
N ASP A 39 27.29 -9.32 25.76
CA ASP A 39 27.02 -9.51 27.19
C ASP A 39 26.39 -8.29 27.82
N ASP A 40 26.34 -7.19 27.08
CA ASP A 40 25.82 -5.93 27.59
C ASP A 40 24.29 -5.98 27.52
N LYS A 41 23.63 -5.51 28.58
CA LYS A 41 22.17 -5.49 28.64
C LYS A 41 21.57 -4.66 27.51
N GLU A 42 22.34 -3.67 27.08
CA GLU A 42 21.91 -2.76 26.06
C GLU A 42 21.93 -3.45 24.68
N PHE A 43 22.96 -4.26 24.43
CA PHE A 43 23.03 -5.09 23.22
C PHE A 43 21.84 -6.01 23.23
N GLN A 44 21.62 -6.68 24.35
CA GLN A 44 20.54 -7.66 24.40
C GLN A 44 19.16 -7.04 24.20
N SER A 45 18.94 -5.84 24.74
CA SER A 45 17.60 -5.25 24.59
C SER A 45 17.33 -4.76 23.16
N VAL A 46 18.37 -4.25 22.48
CA VAL A 46 18.26 -3.85 21.07
C VAL A 46 18.08 -5.06 20.18
N GLU A 47 18.81 -6.13 20.46
CA GLU A 47 18.66 -7.38 19.68
C GLU A 47 17.25 -7.88 19.83
N GLU A 48 16.73 -7.86 21.04
CA GLU A 48 15.38 -8.41 21.27
C GLU A 48 14.31 -7.62 20.47
N GLU A 49 14.40 -6.29 20.44
CA GLU A 49 13.49 -5.48 19.64
CA GLU A 49 13.50 -5.48 19.63
C GLU A 49 13.60 -5.80 18.15
N MET A 50 14.83 -6.01 17.66
CA MET A 50 15.06 -6.44 16.27
C MET A 50 14.35 -7.73 15.96
N GLN A 51 14.60 -8.74 16.80
CA GLN A 51 14.14 -10.09 16.54
C GLN A 51 12.64 -10.19 16.74
N SER A 52 12.12 -9.52 17.76
CA SER A 52 10.74 -9.72 18.17
C SER A 52 9.75 -8.97 17.28
N THR A 53 10.23 -8.04 16.47
CA THR A 53 9.34 -7.28 15.60
C THR A 53 9.43 -7.72 14.13
N VAL A 54 10.00 -8.90 13.87
CA VAL A 54 9.90 -9.53 12.53
C VAL A 54 8.44 -9.97 12.31
N ARG A 55 7.92 -9.70 11.11
CA ARG A 55 6.62 -10.24 10.70
C ARG A 55 6.74 -10.68 9.27
N GLU A 56 5.75 -11.44 8.81
CA GLU A 56 5.61 -11.76 7.40
C GLU A 56 5.05 -10.54 6.67
N HIS A 57 5.43 -10.39 5.42
CA HIS A 57 5.02 -9.25 4.60
C HIS A 57 4.20 -9.73 3.43
N ARG A 58 3.36 -8.83 2.94
CA ARG A 58 2.32 -9.20 1.96
C ARG A 58 2.92 -9.46 0.59
N ASP A 59 4.19 -9.04 0.40
CA ASP A 59 4.90 -9.34 -0.82
C ASP A 59 5.58 -10.72 -0.88
N GLY A 60 5.29 -11.58 0.09
CA GLY A 60 5.88 -12.90 0.18
C GLY A 60 7.40 -12.91 0.29
N GLY A 61 8.00 -11.76 0.66
CA GLY A 61 9.45 -11.67 0.73
C GLY A 61 10.16 -10.97 -0.42
N HIS A 62 9.37 -10.49 -1.39
CA HIS A 62 9.93 -9.89 -2.58
C HIS A 62 10.93 -8.75 -2.27
N ALA A 63 10.55 -7.79 -1.41
CA ALA A 63 11.40 -6.64 -1.15
C ALA A 63 12.55 -7.00 -0.24
N GLY A 64 12.25 -7.69 0.86
CA GLY A 64 13.24 -7.81 1.95
C GLY A 64 13.83 -9.18 2.15
N GLY A 65 13.34 -10.17 1.42
CA GLY A 65 13.77 -11.55 1.59
C GLY A 65 12.84 -12.41 2.41
N ILE A 66 13.09 -13.73 2.37
CA ILE A 66 12.33 -14.69 3.16
C ILE A 66 13.12 -15.06 4.40
N PHE A 67 12.56 -14.80 5.58
CA PHE A 67 13.22 -15.06 6.87
C PHE A 67 12.25 -14.86 8.03
N ASN A 68 12.52 -15.51 9.15
CA ASN A 68 11.76 -15.34 10.37
C ASN A 68 12.56 -14.66 11.47
N ARG A 69 13.87 -14.59 11.29
CA ARG A 69 14.76 -14.03 12.28
C ARG A 69 16.08 -13.64 11.63
N TYR A 70 16.89 -12.92 12.40
CA TYR A 70 18.19 -12.46 11.96
C TYR A 70 19.35 -13.13 12.68
N ASN A 71 20.50 -13.09 12.02
CA ASN A 71 21.80 -13.26 12.69
C ASN A 71 22.40 -11.88 12.93
N ILE A 72 22.38 -11.41 14.17
CA ILE A 72 22.92 -10.09 14.48
C ILE A 72 24.42 -10.26 14.62
N LEU A 73 25.16 -9.48 13.85
CA LEU A 73 26.62 -9.59 13.78
C LEU A 73 27.31 -8.53 14.65
N LYS A 74 26.71 -7.34 14.70
CA LYS A 74 27.28 -6.22 15.46
C LYS A 74 26.21 -5.20 15.84
N ILE A 75 26.32 -4.61 17.04
CA ILE A 75 25.50 -3.46 17.39
C ILE A 75 26.43 -2.38 17.91
N GLN A 76 26.39 -1.23 17.24
CA GLN A 76 27.21 -0.07 17.59
C GLN A 76 26.35 1.09 18.05
N LYS A 77 26.76 1.73 19.14
CA LYS A 77 26.21 3.00 19.58
C LYS A 77 26.80 4.14 18.76
N VAL A 78 25.92 4.98 18.21
CA VAL A 78 26.32 6.09 17.37
C VAL A 78 26.42 7.34 18.24
N CYS A 79 27.61 7.93 18.30
CA CYS A 79 27.85 9.04 19.22
C CYS A 79 28.33 10.25 18.45
N ASN A 80 27.47 11.27 18.36
CA ASN A 80 27.81 12.55 17.73
C ASN A 80 27.17 13.68 18.53
N LYS A 81 28.01 14.48 19.18
CA LYS A 81 27.55 15.56 20.05
C LYS A 81 26.69 16.58 19.29
N LYS A 82 27.17 17.05 18.15
CA LYS A 82 26.43 18.02 17.35
C LYS A 82 25.04 17.50 16.95
N LEU A 83 24.99 16.26 16.47
CA LEU A 83 23.74 15.68 16.02
C LEU A 83 22.79 15.46 17.20
N TRP A 84 23.32 15.03 18.34
CA TRP A 84 22.55 14.81 19.56
C TRP A 84 21.92 16.12 20.06
N GLU A 85 22.72 17.18 20.06
CA GLU A 85 22.25 18.47 20.53
C GLU A 85 21.23 19.07 19.56
N ARG A 86 21.41 18.84 18.27
CA ARG A 86 20.40 19.19 17.28
C ARG A 86 19.06 18.46 17.56
N TYR A 87 19.15 17.17 17.88
CA TYR A 87 17.97 16.38 18.23
C TYR A 87 17.27 16.90 19.50
N THR A 88 18.01 17.09 20.59
CA THR A 88 17.39 17.49 21.87
C THR A 88 16.84 18.92 21.85
N HIS A 89 17.45 19.78 21.04
CA HIS A 89 16.93 21.14 20.86
C HIS A 89 15.54 21.09 20.23
N ARG A 90 15.41 20.29 19.18
CA ARG A 90 14.13 20.17 18.50
C ARG A 90 13.11 19.45 19.40
N ARG A 91 13.58 18.48 20.17
CA ARG A 91 12.73 17.70 21.03
C ARG A 91 12.07 18.63 22.09
N LYS A 92 12.85 19.54 22.64
CA LYS A 92 12.31 20.56 23.57
C LYS A 92 11.27 21.46 22.93
N GLU A 93 11.51 21.91 21.70
CA GLU A 93 10.54 22.71 20.98
C GLU A 93 9.20 21.97 20.83
N VAL A 94 9.28 20.71 20.43
CA VAL A 94 8.08 19.91 20.21
C VAL A 94 7.36 19.70 21.52
N SER A 95 8.12 19.34 22.55
CA SER A 95 7.61 19.12 23.87
C SER A 95 6.86 20.35 24.40
N GLU A 96 7.43 21.54 24.21
CA GLU A 96 6.77 22.76 24.69
C GLU A 96 5.52 23.08 23.88
N GLU A 97 5.43 22.56 22.65
CA GLU A 97 4.21 22.70 21.84
C GLU A 97 3.16 21.59 22.11
N ASN A 98 3.42 20.69 23.06
CA ASN A 98 2.58 19.50 23.22
C ASN A 98 2.57 19.08 24.69
N HIS A 99 2.16 20.01 25.53
CA HIS A 99 2.04 19.82 26.98
C HIS A 99 3.19 19.04 27.58
N ASN A 100 4.40 19.46 27.24
CA ASN A 100 5.63 18.84 27.75
C ASN A 100 5.76 17.35 27.45
N HIS A 101 5.30 16.96 26.28
CA HIS A 101 5.32 15.57 25.84
C HIS A 101 5.90 15.48 24.45
N ALA A 102 7.16 15.08 24.40
CA ALA A 102 7.89 14.79 23.15
C ALA A 102 7.29 13.64 22.36
N ASN A 103 6.66 12.70 23.05
CA ASN A 103 6.14 11.47 22.43
C ASN A 103 7.26 10.80 21.65
N GLU A 104 8.32 10.44 22.39
CA GLU A 104 9.53 9.87 21.84
C GLU A 104 9.43 8.34 21.77
N ARG A 105 9.85 7.80 20.64
CA ARG A 105 9.76 6.38 20.39
C ARG A 105 11.12 5.91 19.90
N MET A 106 11.39 4.63 20.03
CA MET A 106 12.55 4.03 19.36
C MET A 106 12.03 3.24 18.18
N LEU A 107 12.52 3.57 16.99
CA LEU A 107 11.98 3.02 15.77
C LEU A 107 13.07 2.64 14.79
N PHE A 108 12.77 1.75 13.87
CA PHE A 108 13.75 1.30 12.91
C PHE A 108 13.73 2.14 11.69
N HIS A 109 14.92 2.30 11.10
CA HIS A 109 15.05 2.92 9.78
C HIS A 109 16.02 2.15 8.91
N GLY A 110 15.56 1.84 7.69
CA GLY A 110 16.32 1.14 6.67
C GLY A 110 16.58 2.04 5.48
N SER A 111 17.84 2.04 5.04
CA SER A 111 18.28 2.93 3.96
C SER A 111 19.58 2.47 3.37
N PRO A 112 19.76 2.67 2.05
CA PRO A 112 21.13 2.47 1.57
C PRO A 112 22.07 3.61 1.95
N PHE A 113 21.57 4.65 2.65
CA PHE A 113 22.41 5.81 2.99
C PHE A 113 22.73 5.92 4.49
N VAL A 114 22.75 4.76 5.16
CA VAL A 114 23.05 4.67 6.59
C VAL A 114 24.34 5.40 6.94
N ASN A 115 25.35 5.30 6.07
CA ASN A 115 26.63 5.97 6.33
C ASN A 115 26.53 7.48 6.30
N ALA A 116 25.83 8.05 5.33
CA ALA A 116 25.59 9.49 5.37
C ALA A 116 24.77 9.87 6.61
N ILE A 117 23.80 9.03 6.99
CA ILE A 117 22.93 9.39 8.11
C ILE A 117 23.69 9.44 9.44
N ILE A 118 24.53 8.44 9.68
CA ILE A 118 25.22 8.42 10.96
C ILE A 118 26.28 9.52 11.07
N HIS A 119 26.80 9.97 9.94
CA HIS A 119 27.83 11.02 9.93
C HIS A 119 27.28 12.42 9.85
N LYS A 120 26.22 12.64 9.08
CA LYS A 120 25.69 13.99 8.87
C LYS A 120 24.26 14.20 9.40
N GLY A 121 23.59 13.12 9.82
CA GLY A 121 22.26 13.24 10.40
C GLY A 121 21.18 13.05 9.36
N PHE A 122 19.94 12.92 9.81
CA PHE A 122 18.81 12.88 8.88
C PHE A 122 18.57 14.25 8.27
N ASP A 123 18.24 14.27 6.99
CA ASP A 123 17.82 15.49 6.33
C ASP A 123 16.94 15.19 5.10
N GLU A 124 16.52 16.23 4.39
CA GLU A 124 15.61 16.10 3.24
C GLU A 124 16.05 15.06 2.20
N ARG A 125 17.34 14.79 2.08
CA ARG A 125 17.81 13.76 1.16
C ARG A 125 17.45 12.33 1.58
N HIS A 126 17.05 12.14 2.82
CA HIS A 126 16.65 10.81 3.28
C HIS A 126 15.12 10.64 3.29
N ALA A 127 14.43 11.60 2.67
CA ALA A 127 12.97 11.57 2.57
C ALA A 127 12.56 10.60 1.48
N TYR A 128 11.39 10.01 1.65
CA TYR A 128 10.82 9.12 0.65
C TYR A 128 9.80 9.96 -0.13
N ILE A 129 10.20 10.46 -1.30
CA ILE A 129 9.39 11.43 -2.02
C ILE A 129 8.05 10.82 -2.41
N GLY A 130 8.06 9.55 -2.82
CA GLY A 130 6.83 8.86 -3.22
C GLY A 130 6.08 8.10 -2.15
N GLY A 131 6.37 8.35 -0.86
CA GLY A 131 5.71 7.65 0.22
C GLY A 131 4.24 7.98 0.37
N MET A 132 3.47 7.04 0.90
CA MET A 132 2.01 7.17 1.01
C MET A 132 1.55 8.31 1.92
N PHE A 133 2.45 8.84 2.78
CA PHE A 133 2.12 9.99 3.63
C PHE A 133 2.92 11.20 3.25
N GLY A 134 3.41 11.20 2.02
CA GLY A 134 4.14 12.33 1.47
C GLY A 134 5.64 12.26 1.73
N ALA A 135 6.33 13.29 1.25
CA ALA A 135 7.76 13.33 1.24
C ALA A 135 8.29 13.65 2.63
N GLY A 136 8.51 12.60 3.41
CA GLY A 136 9.10 12.72 4.73
C GLY A 136 10.01 11.55 4.98
N ILE A 137 10.49 11.44 6.20
CA ILE A 137 11.42 10.40 6.57
C ILE A 137 10.65 9.35 7.34
N TYR A 138 10.72 8.11 6.87
CA TYR A 138 9.86 7.04 7.33
C TYR A 138 10.56 6.12 8.34
N PHE A 139 9.80 5.69 9.34
CA PHE A 139 10.31 4.81 10.39
C PHE A 139 9.29 3.71 10.66
N ALA A 140 9.76 2.57 11.15
CA ALA A 140 8.89 1.42 11.36
C ALA A 140 9.04 0.83 12.75
N GLU A 141 7.92 0.36 13.32
CA GLU A 141 7.97 -0.48 14.52
C GLU A 141 8.46 -1.88 14.20
N ASN A 142 8.07 -2.41 13.04
CA ASN A 142 8.58 -3.69 12.58
C ASN A 142 9.98 -3.56 11.94
N SER A 143 10.99 -4.20 12.56
CA SER A 143 12.33 -4.23 11.94
C SER A 143 12.26 -4.80 10.52
N SER A 144 11.39 -5.77 10.29
CA SER A 144 11.32 -6.42 8.96
C SER A 144 10.73 -5.48 7.88
N LYS A 145 9.92 -4.50 8.30
CA LYS A 145 9.50 -3.42 7.37
C LYS A 145 10.70 -2.57 6.95
N SER A 146 11.48 -2.07 7.91
CA SER A 146 12.70 -1.30 7.58
C SER A 146 13.69 -2.14 6.74
N ASN A 147 13.74 -3.45 6.99
CA ASN A 147 14.61 -4.34 6.22
C ASN A 147 14.30 -4.33 4.71
N GLN A 148 13.04 -4.10 4.35
CA GLN A 148 12.63 -4.00 2.95
C GLN A 148 13.24 -2.81 2.21
N TYR A 149 13.82 -1.87 2.94
CA TYR A 149 14.34 -0.63 2.38
C TYR A 149 15.87 -0.50 2.43
N VAL A 150 16.55 -1.48 3.04
CA VAL A 150 18.01 -1.46 3.16
C VAL A 150 18.73 -1.32 1.79
N TYR A 151 18.20 -1.97 0.75
CA TYR A 151 18.80 -1.92 -0.57
C TYR A 151 18.06 -1.02 -1.55
N GLY A 152 17.13 -0.22 -1.04
CA GLY A 152 16.41 0.76 -1.83
C GLY A 152 14.92 0.59 -1.68
N ILE A 153 14.16 1.40 -2.39
CA ILE A 153 12.72 1.34 -2.38
C ILE A 153 12.32 -0.01 -2.97
N GLY A 154 11.45 -0.73 -2.30
CA GLY A 154 11.04 -2.04 -2.80
C GLY A 154 12.19 -3.04 -2.80
N GLY A 155 13.25 -2.74 -2.05
CA GLY A 155 14.44 -3.57 -2.03
C GLY A 155 15.42 -3.37 -3.19
N GLY A 156 15.14 -2.42 -4.08
CA GLY A 156 16.04 -2.12 -5.18
C GLY A 156 16.31 -3.35 -5.99
N THR A 157 17.56 -3.57 -6.35
CA THR A 157 17.99 -4.78 -7.04
C THR A 157 18.64 -5.77 -6.07
N GLY A 158 18.46 -5.53 -4.78
CA GLY A 158 18.99 -6.41 -3.77
C GLY A 158 20.44 -6.07 -3.48
N CYS A 159 21.16 -7.04 -2.94
CA CYS A 159 22.51 -6.80 -2.46
C CYS A 159 23.41 -6.43 -3.63
N PRO A 160 24.35 -5.50 -3.39
CA PRO A 160 25.33 -5.11 -4.42
C PRO A 160 26.04 -6.28 -5.11
N VAL A 161 26.37 -7.31 -4.35
CA VAL A 161 27.30 -8.33 -4.82
C VAL A 161 26.60 -9.39 -5.65
N HIS A 162 25.44 -9.83 -5.17
CA HIS A 162 24.69 -10.91 -5.78
C HIS A 162 23.41 -10.48 -6.50
N LYS A 163 23.04 -9.20 -6.42
CA LYS A 163 21.73 -8.71 -6.88
C LYS A 163 20.58 -9.57 -6.38
N ASP A 164 20.63 -9.94 -5.10
CA ASP A 164 19.61 -10.78 -4.48
C ASP A 164 18.95 -10.01 -3.30
N ARG A 165 17.64 -9.74 -3.41
CA ARG A 165 16.90 -9.08 -2.32
C ARG A 165 16.71 -9.99 -1.12
N SER A 166 16.81 -11.31 -1.32
CA SER A 166 16.79 -12.29 -0.24
C SER A 166 18.19 -12.83 0.08
N CYS A 167 19.24 -12.05 -0.14
CA CYS A 167 20.58 -12.58 0.12
C CYS A 167 20.78 -12.96 1.59
N TYR A 168 21.24 -14.19 1.81
CA TYR A 168 21.52 -14.72 3.15
C TYR A 168 22.99 -14.60 3.56
N ILE A 169 23.82 -14.14 2.63
CA ILE A 169 25.26 -14.00 2.83
C ILE A 169 25.70 -12.58 3.20
N CYS A 170 25.24 -11.61 2.43
CA CYS A 170 25.73 -10.23 2.52
C CYS A 170 25.25 -9.56 3.82
N HIS A 171 26.08 -8.64 4.31
CA HIS A 171 25.82 -7.96 5.57
C HIS A 171 24.93 -6.79 5.30
N ARG A 172 23.85 -6.68 6.08
CA ARG A 172 22.92 -5.59 6.00
C ARG A 172 23.04 -4.75 7.24
N GLN A 173 22.62 -3.50 7.14
CA GLN A 173 22.60 -2.58 8.28
C GLN A 173 21.27 -1.86 8.40
N LEU A 174 20.79 -1.73 9.63
CA LEU A 174 19.60 -0.95 9.93
C LEU A 174 19.98 0.03 11.01
N LEU A 175 19.22 1.11 11.12
CA LEU A 175 19.30 2.01 12.26
C LEU A 175 18.15 1.83 13.21
N PHE A 176 18.44 1.82 14.50
CA PHE A 176 17.43 1.87 15.53
C PHE A 176 17.51 3.26 16.15
N CYS A 177 16.47 4.07 15.99
CA CYS A 177 16.58 5.52 16.14
C CYS A 177 15.66 6.07 17.19
N ARG A 178 16.07 7.16 17.80
CA ARG A 178 15.21 7.90 18.73
C ARG A 178 14.46 8.93 17.93
N VAL A 179 13.13 8.87 17.97
CA VAL A 179 12.31 9.70 17.08
C VAL A 179 11.28 10.48 17.90
N THR A 180 11.22 11.80 17.69
CA THR A 180 10.25 12.62 18.37
C THR A 180 9.00 12.73 17.49
N LEU A 181 7.86 12.26 17.99
CA LEU A 181 6.61 12.31 17.20
C LEU A 181 5.76 13.50 17.54
N GLY A 182 5.90 14.02 18.76
CA GLY A 182 5.01 15.06 19.26
C GLY A 182 3.54 14.68 19.03
N LYS A 183 2.76 15.64 18.56
CA LYS A 183 1.36 15.43 18.19
C LYS A 183 1.31 14.79 16.83
N SER A 184 0.90 13.54 16.78
CA SER A 184 0.98 12.79 15.53
C SER A 184 -0.41 12.71 14.88
N PHE A 185 -0.44 12.98 13.59
CA PHE A 185 -1.65 12.85 12.79
C PHE A 185 -1.92 11.39 12.47
N LEU A 186 -3.06 10.88 12.89
CA LEU A 186 -3.39 9.46 12.73
C LEU A 186 -4.05 9.20 11.36
N GLN A 187 -3.37 8.44 10.52
CA GLN A 187 -3.88 8.04 9.22
C GLN A 187 -4.21 6.56 9.27
N PHE A 188 -5.50 6.23 9.12
CA PHE A 188 -5.91 4.85 9.08
C PHE A 188 -5.55 4.41 7.67
N SER A 189 -4.79 3.35 7.57
CA SER A 189 -4.01 3.13 6.37
C SER A 189 -4.33 1.76 5.84
N ALA A 190 -4.60 1.71 4.54
CA ALA A 190 -4.92 0.50 3.81
C ALA A 190 -3.64 -0.20 3.33
N MET A 193 11.31 18.49 1.15
CA MET A 193 10.53 17.72 2.10
C MET A 193 9.15 18.38 2.28
N ALA A 194 8.11 17.57 2.46
CA ALA A 194 6.78 18.09 2.72
C ALA A 194 6.71 18.72 4.13
N HIS A 195 5.52 19.17 4.52
CA HIS A 195 5.31 19.71 5.85
C HIS A 195 4.38 18.77 6.59
N SER A 196 4.52 18.74 7.90
CA SER A 196 3.55 18.06 8.75
C SER A 196 2.16 18.63 8.53
N PRO A 197 1.12 17.81 8.70
CA PRO A 197 -0.23 18.37 8.74
C PRO A 197 -0.27 19.53 9.73
N PRO A 198 -0.95 20.64 9.36
CA PRO A 198 -1.01 21.76 10.30
C PRO A 198 -1.46 21.35 11.71
N GLY A 199 -0.79 21.90 12.71
CA GLY A 199 -1.03 21.54 14.09
C GLY A 199 -0.50 20.17 14.54
N HIS A 200 0.35 19.52 13.74
CA HIS A 200 0.93 18.21 14.07
C HIS A 200 2.45 18.21 13.83
N HIS A 201 3.15 17.28 14.49
CA HIS A 201 4.61 17.15 14.32
C HIS A 201 5.07 15.90 13.57
N SER A 202 4.14 15.04 13.22
CA SER A 202 4.42 13.78 12.57
C SER A 202 3.11 13.15 12.04
N VAL A 203 3.27 12.08 11.27
CA VAL A 203 2.14 11.28 10.82
C VAL A 203 2.34 9.84 11.27
N THR A 204 1.27 9.24 11.74
CA THR A 204 1.24 7.83 12.08
C THR A 204 0.41 7.10 11.06
N GLY A 205 1.00 6.10 10.43
CA GLY A 205 0.30 5.21 9.55
C GLY A 205 -0.12 3.97 10.31
N ARG A 206 -1.40 3.94 10.67
CA ARG A 206 -1.98 2.84 11.43
C ARG A 206 -2.48 1.77 10.44
N PRO A 207 -2.01 0.54 10.57
CA PRO A 207 -2.53 -0.45 9.61
C PRO A 207 -4.02 -0.72 9.85
N SER A 208 -4.82 -0.78 8.78
CA SER A 208 -6.29 -1.07 8.87
C SER A 208 -6.76 -2.25 7.98
N VAL A 209 -5.82 -3.09 7.51
CA VAL A 209 -6.13 -4.28 6.70
C VAL A 209 -5.35 -5.48 7.22
N ASN A 210 -4.03 -5.30 7.36
CA ASN A 210 -3.16 -6.36 7.85
C ASN A 210 -3.11 -6.30 9.37
N GLY A 211 -3.87 -7.22 9.97
CA GLY A 211 -3.95 -7.33 11.42
C GLY A 211 -2.65 -7.55 12.14
N LEU A 212 -1.62 -8.09 11.48
CA LEU A 212 -0.34 -8.32 12.22
C LEU A 212 0.71 -7.19 12.06
N ALA A 213 0.46 -6.24 11.17
CA ALA A 213 1.41 -5.14 10.93
C ALA A 213 1.43 -4.19 12.10
N LEU A 214 2.62 -3.74 12.48
CA LEU A 214 2.76 -2.65 13.43
C LEU A 214 2.76 -1.31 12.67
N ALA A 215 2.69 -0.21 13.39
CA ALA A 215 2.66 1.12 12.82
C ALA A 215 3.95 1.56 12.16
N GLU A 216 3.80 2.55 11.28
CA GLU A 216 4.89 3.25 10.62
C GLU A 216 4.67 4.74 10.87
N TYR A 217 5.73 5.52 10.83
CA TYR A 217 5.68 6.93 11.26
C TYR A 217 6.51 7.76 10.30
N VAL A 218 6.09 9.00 10.09
CA VAL A 218 6.76 9.89 9.19
C VAL A 218 6.99 11.18 9.91
N ILE A 219 8.22 11.68 9.86
CA ILE A 219 8.56 13.01 10.37
C ILE A 219 8.99 13.83 9.18
N TYR A 220 8.86 15.15 9.30
CA TYR A 220 9.15 16.03 8.19
C TYR A 220 10.30 16.99 8.49
N ARG A 221 11.02 16.77 9.59
CA ARG A 221 12.19 17.55 9.97
C ARG A 221 13.24 16.53 10.35
N GLY A 222 14.42 16.59 9.74
CA GLY A 222 15.50 15.65 10.07
C GLY A 222 15.98 15.68 11.52
N GLU A 223 15.83 16.83 12.16
CA GLU A 223 16.21 17.04 13.56
C GLU A 223 15.31 16.33 14.55
N GLN A 224 14.18 15.77 14.08
CA GLN A 224 13.31 14.98 14.94
C GLN A 224 13.71 13.50 15.05
N ALA A 225 14.89 13.11 14.59
CA ALA A 225 15.36 11.76 14.81
C ALA A 225 16.87 11.79 15.06
N TYR A 226 17.32 10.91 15.93
CA TYR A 226 18.75 10.67 16.17
C TYR A 226 19.03 9.16 15.93
N PRO A 227 20.03 8.83 15.07
CA PRO A 227 20.34 7.45 14.75
C PRO A 227 21.20 6.82 15.84
N GLU A 228 20.59 6.25 16.84
CA GLU A 228 21.29 5.86 18.06
C GLU A 228 22.08 4.54 17.98
N TYR A 229 21.52 3.54 17.31
CA TYR A 229 22.22 2.27 17.11
C TYR A 229 22.32 1.88 15.66
N LEU A 230 23.52 1.44 15.28
CA LEU A 230 23.77 0.84 13.98
C LEU A 230 23.83 -0.68 14.18
N ILE A 231 22.91 -1.39 13.53
CA ILE A 231 22.81 -2.82 13.67
C ILE A 231 23.24 -3.47 12.36
N THR A 232 24.22 -4.38 12.45
CA THR A 232 24.72 -5.10 11.31
C THR A 232 24.25 -6.55 11.45
N TYR A 233 23.66 -7.09 10.38
CA TYR A 233 22.98 -8.36 10.51
C TYR A 233 22.90 -9.08 9.18
N GLN A 234 22.55 -10.35 9.24
CA GLN A 234 22.10 -11.08 8.06
C GLN A 234 20.68 -11.58 8.34
N ILE A 235 19.85 -11.66 7.30
CA ILE A 235 18.61 -12.39 7.42
C ILE A 235 18.96 -13.89 7.36
N MET A 236 18.19 -14.71 8.05
CA MET A 236 18.48 -16.13 8.12
C MET A 236 17.46 -16.94 7.31
N ARG A 237 17.96 -17.91 6.54
CA ARG A 237 17.11 -18.79 5.74
C ARG A 237 16.33 -19.70 6.68
N PRO A 238 14.98 -19.71 6.57
CA PRO A 238 14.18 -20.58 7.43
C PRO A 238 14.57 -22.06 7.29
N GLU A 239 14.42 -22.82 8.37
CA GLU A 239 14.82 -24.24 8.42
C GLU A 239 13.82 -25.17 7.77
N GLY B 30 -2.61 -17.91 -0.73
CA GLY B 30 -1.36 -17.84 -1.54
C GLY B 30 -1.27 -16.60 -2.43
N THR B 31 -1.90 -15.51 -2.01
CA THR B 31 -1.77 -14.26 -2.75
C THR B 31 -0.56 -13.49 -2.26
N ILE B 32 0.26 -13.03 -3.19
CA ILE B 32 1.25 -12.02 -2.88
C ILE B 32 0.99 -10.74 -3.68
N LEU B 33 1.34 -9.61 -3.06
CA LEU B 33 1.18 -8.30 -3.65
C LEU B 33 2.54 -7.70 -3.93
N ILE B 34 2.79 -7.32 -5.18
CA ILE B 34 4.06 -6.72 -5.58
C ILE B 34 3.85 -5.25 -5.93
N ASP B 35 4.54 -4.37 -5.23
CA ASP B 35 4.48 -2.93 -5.53
C ASP B 35 5.06 -2.58 -6.86
N LEU B 36 4.35 -1.75 -7.61
CA LEU B 36 4.93 -1.24 -8.83
C LEU B 36 5.56 0.11 -8.48
N SER B 37 6.69 0.42 -9.12
CA SER B 37 7.33 1.71 -8.92
C SER B 37 6.58 2.75 -9.75
N PRO B 38 6.45 3.99 -9.23
CA PRO B 38 5.89 5.06 -10.06
C PRO B 38 6.68 5.30 -11.34
N ASP B 39 7.95 4.87 -11.37
CA ASP B 39 8.81 5.07 -12.54
C ASP B 39 8.61 4.04 -13.63
N ASP B 40 7.81 3.02 -13.32
CA ASP B 40 7.52 1.90 -14.19
C ASP B 40 6.40 2.31 -15.14
N LYS B 41 6.56 2.06 -16.43
CA LYS B 41 5.49 2.29 -17.40
C LYS B 41 4.17 1.62 -17.04
N GLU B 42 4.23 0.48 -16.37
CA GLU B 42 3.00 -0.24 -15.99
C GLU B 42 2.19 0.54 -14.96
N PHE B 43 2.88 1.04 -13.94
CA PHE B 43 2.25 1.90 -12.95
C PHE B 43 1.60 3.08 -13.67
N GLN B 44 2.37 3.69 -14.56
CA GLN B 44 1.92 4.89 -15.26
C GLN B 44 0.68 4.66 -16.10
N SER B 45 0.63 3.50 -16.75
CA SER B 45 -0.50 3.12 -17.59
C SER B 45 -1.76 2.93 -16.74
N VAL B 46 -1.60 2.27 -15.60
CA VAL B 46 -2.72 2.05 -14.72
C VAL B 46 -3.21 3.37 -14.11
N GLU B 47 -2.29 4.22 -13.68
CA GLU B 47 -2.70 5.54 -13.16
C GLU B 47 -3.46 6.32 -14.24
N GLU B 48 -2.99 6.30 -15.49
CA GLU B 48 -3.67 7.05 -16.55
C GLU B 48 -5.05 6.47 -16.88
N GLU B 49 -5.20 5.15 -16.83
CA GLU B 49 -6.54 4.58 -16.94
C GLU B 49 -7.48 5.06 -15.82
N MET B 50 -6.96 5.11 -14.60
CA MET B 50 -7.73 5.66 -13.45
C MET B 50 -8.16 7.10 -13.69
N GLN B 51 -7.17 7.94 -13.95
CA GLN B 51 -7.40 9.39 -14.01
C GLN B 51 -8.23 9.79 -15.22
N SER B 52 -7.96 9.18 -16.37
CA SER B 52 -8.64 9.56 -17.59
C SER B 52 -10.10 9.11 -17.62
N THR B 53 -10.50 8.19 -16.75
CA THR B 53 -11.88 7.70 -16.77
C THR B 53 -12.73 8.25 -15.63
N VAL B 54 -12.25 9.31 -14.96
CA VAL B 54 -13.09 10.03 -14.03
C VAL B 54 -14.16 10.78 -14.85
N ARG B 55 -15.41 10.76 -14.40
CA ARG B 55 -16.43 11.64 -14.96
C ARG B 55 -17.27 12.25 -13.86
N GLU B 56 -18.13 13.20 -14.25
CA GLU B 56 -19.16 13.71 -13.34
C GLU B 56 -20.27 12.71 -13.19
N HIS B 57 -20.89 12.70 -12.02
CA HIS B 57 -21.97 11.77 -11.75
C HIS B 57 -23.24 12.52 -11.44
N ARG B 58 -24.37 11.94 -11.81
CA ARG B 58 -25.67 12.62 -11.76
C ARG B 58 -26.13 12.84 -10.31
N ASP B 59 -25.53 12.13 -9.36
CA ASP B 59 -25.82 12.37 -7.93
C ASP B 59 -25.07 13.54 -7.34
N GLY B 60 -24.35 14.29 -8.16
CA GLY B 60 -23.59 15.46 -7.71
C GLY B 60 -22.43 15.12 -6.74
N GLY B 61 -22.00 13.85 -6.70
CA GLY B 61 -20.99 13.40 -5.74
C GLY B 61 -21.48 12.67 -4.50
N HIS B 62 -22.80 12.49 -4.38
CA HIS B 62 -23.38 11.92 -3.16
C HIS B 62 -22.76 10.58 -2.75
N ALA B 63 -22.59 9.67 -3.70
CA ALA B 63 -22.11 8.31 -3.39
C ALA B 63 -20.60 8.23 -3.25
N GLY B 64 -19.90 8.83 -4.20
CA GLY B 64 -18.44 8.69 -4.30
C GLY B 64 -17.59 9.87 -3.91
N GLY B 65 -18.24 11.01 -3.68
CA GLY B 65 -17.54 12.25 -3.40
C GLY B 65 -17.39 13.20 -4.55
N ILE B 66 -16.94 14.40 -4.22
CA ILE B 66 -16.77 15.45 -5.20
C ILE B 66 -15.28 15.54 -5.55
N PHE B 67 -14.96 15.24 -6.81
CA PHE B 67 -13.56 15.24 -7.27
C PHE B 67 -13.48 15.16 -8.79
N ASN B 68 -12.36 15.61 -9.34
CA ASN B 68 -12.05 15.48 -10.74
C ASN B 68 -10.85 14.59 -11.01
N ARG B 69 -10.10 14.23 -9.97
CA ARG B 69 -8.91 13.43 -10.13
C ARG B 69 -8.55 12.80 -8.81
N TYR B 70 -7.62 11.86 -8.88
CA TYR B 70 -7.17 11.12 -7.69
C TYR B 70 -5.74 11.46 -7.33
N ASN B 71 -5.40 11.20 -6.08
CA ASN B 71 -3.99 11.06 -5.66
C ASN B 71 -3.71 9.56 -5.55
N ILE B 72 -2.99 8.99 -6.52
CA ILE B 72 -2.66 7.58 -6.48
C ILE B 72 -1.50 7.37 -5.50
N LEU B 73 -1.73 6.55 -4.49
CA LEU B 73 -0.76 6.30 -3.45
C LEU B 73 0.09 5.06 -3.66
N LYS B 74 -0.51 4.02 -4.26
CA LYS B 74 0.14 2.75 -4.43
C LYS B 74 -0.60 1.95 -5.51
N ILE B 75 0.15 1.21 -6.31
CA ILE B 75 -0.43 0.26 -7.26
C ILE B 75 0.31 -1.05 -7.08
N GLN B 76 -0.43 -2.09 -6.73
CA GLN B 76 0.13 -3.40 -6.49
C GLN B 76 -0.38 -4.47 -7.46
N LYS B 77 0.55 -5.27 -7.95
CA LYS B 77 0.21 -6.42 -8.76
C LYS B 77 -0.22 -7.56 -7.82
N VAL B 78 -1.37 -8.16 -8.12
CA VAL B 78 -1.95 -9.21 -7.29
C VAL B 78 -1.59 -10.55 -7.94
N CYS B 79 -0.92 -11.41 -7.18
CA CYS B 79 -0.37 -12.65 -7.74
C CYS B 79 -0.83 -13.82 -6.92
N ASN B 80 -1.61 -14.70 -7.56
CA ASN B 80 -2.11 -15.89 -6.93
C ASN B 80 -2.24 -16.95 -8.01
N LYS B 81 -1.40 -17.96 -7.94
CA LYS B 81 -1.27 -18.97 -9.01
C LYS B 81 -2.59 -19.72 -9.16
N LYS B 82 -3.16 -20.15 -8.05
CA LYS B 82 -4.43 -20.86 -8.06
C LYS B 82 -5.58 -20.05 -8.66
N LEU B 83 -5.70 -18.78 -8.28
CA LEU B 83 -6.78 -17.95 -8.76
C LEU B 83 -6.55 -17.67 -10.24
N TRP B 84 -5.29 -17.49 -10.63
CA TRP B 84 -4.97 -17.24 -12.02
C TRP B 84 -5.36 -18.44 -12.91
N GLU B 85 -4.98 -19.63 -12.45
CA GLU B 85 -5.31 -20.86 -13.16
C GLU B 85 -6.82 -21.06 -13.27
N ARG B 86 -7.55 -20.76 -12.21
CA ARG B 86 -9.01 -20.81 -12.22
CA ARG B 86 -9.01 -20.79 -12.18
C ARG B 86 -9.59 -19.84 -13.25
N TYR B 87 -9.04 -18.62 -13.31
CA TYR B 87 -9.43 -17.63 -14.32
C TYR B 87 -9.12 -18.11 -15.76
N THR B 88 -7.88 -18.53 -16.01
CA THR B 88 -7.46 -18.94 -17.36
C THR B 88 -8.17 -20.19 -17.87
N HIS B 89 -8.58 -21.07 -16.96
CA HIS B 89 -9.35 -22.25 -17.35
C HIS B 89 -10.76 -21.86 -17.82
N ARG B 90 -11.39 -20.96 -17.09
CA ARG B 90 -12.70 -20.47 -17.48
C ARG B 90 -12.60 -19.65 -18.76
N ARG B 91 -11.53 -18.87 -18.91
CA ARG B 91 -11.35 -18.05 -20.11
C ARG B 91 -11.26 -18.94 -21.37
N LYS B 92 -10.58 -20.08 -21.24
CA LYS B 92 -10.48 -21.06 -22.33
C LYS B 92 -11.86 -21.63 -22.69
N GLU B 93 -12.64 -22.03 -21.69
CA GLU B 93 -14.03 -22.51 -21.91
C GLU B 93 -14.86 -21.46 -22.62
N VAL B 94 -14.85 -20.24 -22.09
CA VAL B 94 -15.61 -19.14 -22.69
C VAL B 94 -15.16 -18.89 -24.13
N SER B 95 -13.85 -18.78 -24.31
CA SER B 95 -13.28 -18.50 -25.61
C SER B 95 -13.72 -19.52 -26.68
N GLU B 96 -13.64 -20.80 -26.33
CA GLU B 96 -14.04 -21.88 -27.26
C GLU B 96 -15.55 -21.84 -27.55
N GLU B 97 -16.36 -21.59 -26.53
CA GLU B 97 -17.79 -21.38 -26.72
C GLU B 97 -18.10 -20.17 -27.60
N ASN B 98 -17.27 -19.13 -27.54
CA ASN B 98 -17.50 -17.91 -28.32
C ASN B 98 -16.59 -17.86 -29.55
N HIS B 99 -16.29 -19.04 -30.09
CA HIS B 99 -15.59 -19.17 -31.38
C HIS B 99 -14.22 -18.54 -31.38
N ASN B 100 -13.48 -18.92 -30.33
CA ASN B 100 -12.12 -18.52 -30.10
C ASN B 100 -11.97 -17.00 -29.87
N HIS B 101 -12.85 -16.43 -29.04
CA HIS B 101 -12.83 -15.00 -28.69
C HIS B 101 -13.22 -14.81 -27.22
N ALA B 102 -12.22 -14.64 -26.38
CA ALA B 102 -12.45 -14.41 -24.95
C ALA B 102 -13.18 -13.12 -24.66
N ASN B 103 -12.94 -12.11 -25.48
CA ASN B 103 -13.52 -10.76 -25.31
C ASN B 103 -13.08 -10.23 -23.93
N GLU B 104 -11.77 -10.27 -23.71
CA GLU B 104 -11.19 -9.93 -22.43
C GLU B 104 -10.91 -8.42 -22.32
N ARG B 105 -11.32 -7.84 -21.20
CA ARG B 105 -11.18 -6.41 -20.93
C ARG B 105 -10.43 -6.19 -19.61
N MET B 106 -9.90 -4.99 -19.44
CA MET B 106 -9.48 -4.51 -18.13
C MET B 106 -10.53 -3.52 -17.63
N LEU B 107 -11.10 -3.81 -16.46
CA LEU B 107 -12.20 -3.04 -15.91
C LEU B 107 -12.04 -2.81 -14.42
N PHE B 108 -12.59 -1.72 -13.92
CA PHE B 108 -12.52 -1.43 -12.49
C PHE B 108 -13.59 -2.15 -11.69
N HIS B 109 -13.28 -2.39 -10.41
CA HIS B 109 -14.24 -2.94 -9.47
C HIS B 109 -14.04 -2.31 -8.11
N GLY B 110 -15.09 -1.69 -7.58
CA GLY B 110 -15.06 -1.07 -6.25
C GLY B 110 -15.88 -1.92 -5.32
N SER B 111 -15.37 -2.15 -4.11
CA SER B 111 -16.05 -2.98 -3.13
C SER B 111 -15.45 -2.82 -1.74
N PRO B 112 -16.28 -2.86 -0.70
CA PRO B 112 -15.65 -2.95 0.65
C PRO B 112 -15.01 -4.31 0.95
N PHE B 113 -15.11 -5.27 0.03
CA PHE B 113 -14.55 -6.61 0.30
C PHE B 113 -13.30 -6.88 -0.53
N VAL B 114 -12.61 -5.82 -0.89
CA VAL B 114 -11.34 -5.90 -1.63
C VAL B 114 -10.39 -6.94 -1.03
N ASN B 115 -10.25 -6.94 0.30
CA ASN B 115 -9.32 -7.86 1.00
C ASN B 115 -9.71 -9.31 0.75
N ALA B 116 -10.99 -9.62 0.87
CA ALA B 116 -11.49 -10.96 0.57
C ALA B 116 -11.28 -11.35 -0.89
N ILE B 117 -11.53 -10.43 -1.82
CA ILE B 117 -11.42 -10.74 -3.23
C ILE B 117 -9.99 -11.10 -3.66
N ILE B 118 -9.01 -10.33 -3.23
CA ILE B 118 -7.65 -10.62 -3.67
C ILE B 118 -7.11 -11.94 -3.08
N HIS B 119 -7.68 -12.40 -1.98
CA HIS B 119 -7.20 -13.63 -1.32
C HIS B 119 -7.95 -14.85 -1.77
N LYS B 120 -9.27 -14.74 -1.89
CA LYS B 120 -10.17 -15.86 -2.16
C LYS B 120 -10.79 -15.81 -3.56
N GLY B 121 -10.66 -14.68 -4.26
CA GLY B 121 -11.19 -14.54 -5.62
C GLY B 121 -12.61 -14.00 -5.60
N PHE B 122 -13.13 -13.66 -6.78
CA PHE B 122 -14.56 -13.31 -6.90
C PHE B 122 -15.42 -14.56 -6.79
N ASP B 123 -16.58 -14.42 -6.19
CA ASP B 123 -17.60 -15.46 -6.15
C ASP B 123 -18.95 -14.83 -5.77
N GLU B 124 -19.98 -15.64 -5.58
CA GLU B 124 -21.35 -15.12 -5.38
C GLU B 124 -21.48 -14.05 -4.28
N ARG B 125 -20.63 -14.06 -3.25
CA ARG B 125 -20.69 -13.04 -2.19
C ARG B 125 -20.43 -11.61 -2.69
N HIS B 126 -19.74 -11.48 -3.82
CA HIS B 126 -19.39 -10.16 -4.37
C HIS B 126 -20.37 -9.69 -5.44
N ALA B 127 -21.48 -10.44 -5.55
CA ALA B 127 -22.53 -10.10 -6.51
C ALA B 127 -23.44 -9.05 -5.91
N TYR B 128 -23.94 -8.18 -6.77
CA TYR B 128 -24.85 -7.11 -6.40
C TYR B 128 -26.24 -7.60 -6.74
N ILE B 129 -26.93 -8.12 -5.72
CA ILE B 129 -28.18 -8.84 -5.96
C ILE B 129 -29.22 -7.92 -6.62
N GLY B 130 -29.28 -6.67 -6.21
CA GLY B 130 -30.27 -5.73 -6.75
C GLY B 130 -29.79 -4.86 -7.88
N GLY B 131 -28.75 -5.28 -8.60
CA GLY B 131 -28.27 -4.51 -9.73
C GLY B 131 -29.27 -4.50 -10.89
N MET B 132 -29.20 -3.46 -11.70
CA MET B 132 -30.11 -3.28 -12.84
C MET B 132 -30.02 -4.38 -13.92
N PHE B 133 -28.88 -5.06 -14.01
CA PHE B 133 -28.71 -6.15 -14.97
C PHE B 133 -28.67 -7.51 -14.27
N GLY B 134 -29.30 -7.56 -13.11
CA GLY B 134 -29.49 -8.78 -12.36
C GLY B 134 -28.38 -9.00 -11.36
N ALA B 135 -28.50 -10.10 -10.62
CA ALA B 135 -27.59 -10.41 -9.53
C ALA B 135 -26.33 -11.03 -10.09
N GLY B 136 -25.36 -10.18 -10.39
CA GLY B 136 -24.08 -10.61 -10.94
C GLY B 136 -22.98 -9.76 -10.34
N ILE B 137 -21.77 -9.94 -10.84
CA ILE B 137 -20.62 -9.16 -10.36
C ILE B 137 -20.38 -8.03 -11.37
N TYR B 138 -20.38 -6.79 -10.88
CA TYR B 138 -20.38 -5.61 -11.71
C TYR B 138 -19.00 -4.97 -11.84
N PHE B 139 -18.67 -4.55 -13.06
CA PHE B 139 -17.41 -3.86 -13.37
C PHE B 139 -17.70 -2.60 -14.18
N ALA B 140 -16.80 -1.63 -14.13
CA ALA B 140 -16.99 -0.34 -14.79
C ALA B 140 -15.79 0.08 -15.61
N GLU B 141 -16.06 0.72 -16.74
CA GLU B 141 -15.05 1.44 -17.50
C GLU B 141 -14.67 2.77 -16.85
N ASN B 142 -15.63 3.42 -16.20
CA ASN B 142 -15.33 4.63 -15.44
C ASN B 142 -14.78 4.28 -14.06
N SER B 143 -13.55 4.66 -13.78
CA SER B 143 -13.00 4.45 -12.43
C SER B 143 -13.91 5.13 -11.38
N SER B 144 -14.43 6.31 -11.71
CA SER B 144 -15.28 7.08 -10.78
C SER B 144 -16.61 6.37 -10.49
N LYS B 145 -17.05 5.48 -11.39
CA LYS B 145 -18.28 4.70 -11.13
C LYS B 145 -17.97 3.64 -10.06
N SER B 146 -16.85 2.93 -10.23
CA SER B 146 -16.40 1.95 -9.22
C SER B 146 -16.11 2.63 -7.88
N ASN B 147 -15.61 3.87 -7.91
CA ASN B 147 -15.37 4.62 -6.68
C ASN B 147 -16.65 4.81 -5.85
N GLN B 148 -17.80 4.89 -6.50
CA GLN B 148 -19.09 4.99 -5.79
C GLN B 148 -19.44 3.77 -4.93
N TYR B 149 -18.76 2.64 -5.13
CA TYR B 149 -19.07 1.39 -4.43
C TYR B 149 -17.99 0.95 -3.44
N VAL B 150 -16.94 1.76 -3.31
CA VAL B 150 -15.80 1.42 -2.43
C VAL B 150 -16.25 1.28 -0.98
N TYR B 151 -17.13 2.16 -0.55
CA TYR B 151 -17.67 2.10 0.80
C TYR B 151 -19.05 1.46 0.92
N GLY B 152 -19.51 0.78 -0.13
CA GLY B 152 -20.79 0.09 -0.09
C GLY B 152 -21.70 0.54 -1.20
N ILE B 153 -22.87 -0.09 -1.32
CA ILE B 153 -23.85 0.33 -2.30
C ILE B 153 -24.27 1.77 -2.00
N GLY B 154 -24.23 2.61 -3.02
CA GLY B 154 -24.55 4.02 -2.85
C GLY B 154 -23.55 4.79 -2.01
N GLY B 155 -22.33 4.25 -1.86
CA GLY B 155 -21.33 4.82 -0.99
C GLY B 155 -21.46 4.47 0.50
N GLY B 156 -22.45 3.63 0.83
CA GLY B 156 -22.82 3.36 2.22
C GLY B 156 -22.89 4.62 3.07
N THR B 157 -22.23 4.60 4.22
CA THR B 157 -22.12 5.78 5.06
C THR B 157 -20.71 6.42 4.94
N GLY B 158 -19.97 6.10 3.88
CA GLY B 158 -18.70 6.73 3.60
C GLY B 158 -17.56 6.12 4.40
N CYS B 159 -16.49 6.87 4.60
CA CYS B 159 -15.30 6.31 5.21
C CYS B 159 -15.59 5.85 6.64
N PRO B 160 -14.88 4.82 7.14
CA PRO B 160 -15.13 4.38 8.51
C PRO B 160 -14.85 5.43 9.55
N VAL B 161 -13.82 6.24 9.32
CA VAL B 161 -13.31 7.16 10.32
C VAL B 161 -14.16 8.40 10.43
N HIS B 162 -14.55 8.98 9.31
CA HIS B 162 -15.27 10.23 9.31
C HIS B 162 -16.73 10.14 8.88
N LYS B 163 -17.18 8.96 8.42
CA LYS B 163 -18.53 8.80 7.90
C LYS B 163 -18.81 9.85 6.82
N ASP B 164 -17.84 9.99 5.91
CA ASP B 164 -17.88 11.00 4.87
C ASP B 164 -17.65 10.30 3.53
N ARG B 165 -18.70 10.27 2.70
CA ARG B 165 -18.59 9.67 1.37
C ARG B 165 -17.64 10.46 0.48
N SER B 166 -17.43 11.73 0.80
CA SER B 166 -16.50 12.57 0.07
C SER B 166 -15.18 12.80 0.82
N CYS B 167 -14.78 11.85 1.66
CA CYS B 167 -13.59 12.05 2.50
C CYS B 167 -12.37 12.19 1.62
N TYR B 168 -11.58 13.23 1.85
CA TYR B 168 -10.32 13.46 1.13
C TYR B 168 -9.08 13.04 1.91
N ILE B 169 -9.30 12.50 3.10
CA ILE B 169 -8.23 12.08 3.99
C ILE B 169 -7.98 10.59 3.87
N CYS B 170 -9.04 9.81 4.01
CA CYS B 170 -8.92 8.37 4.13
C CYS B 170 -8.57 7.69 2.80
N HIS B 171 -7.73 6.68 2.92
CA HIS B 171 -7.22 5.91 1.79
C HIS B 171 -8.29 4.97 1.31
N ARG B 172 -8.48 4.93 -0.02
CA ARG B 172 -9.46 4.08 -0.68
C ARG B 172 -8.72 3.05 -1.51
N GLN B 173 -9.39 1.97 -1.83
CA GLN B 173 -8.82 0.96 -2.70
C GLN B 173 -9.83 0.52 -3.74
N LEU B 174 -9.38 0.35 -4.98
CA LEU B 174 -10.17 -0.19 -6.09
C LEU B 174 -9.35 -1.31 -6.69
N LEU B 175 -9.99 -2.21 -7.43
CA LEU B 175 -9.31 -3.21 -8.21
C LEU B 175 -9.40 -2.83 -9.65
N PHE B 176 -8.35 -3.11 -10.41
CA PHE B 176 -8.41 -3.01 -11.84
C PHE B 176 -8.19 -4.45 -12.31
N CYS B 177 -9.22 -5.03 -12.92
CA CYS B 177 -9.33 -6.48 -13.10
C CYS B 177 -9.36 -6.92 -14.54
N ARG B 178 -8.84 -8.13 -14.76
CA ARG B 178 -8.95 -8.77 -16.04
C ARG B 178 -10.30 -9.50 -16.06
N VAL B 179 -11.15 -9.18 -17.05
CA VAL B 179 -12.51 -9.71 -17.09
C VAL B 179 -12.84 -10.33 -18.46
N THR B 180 -13.26 -11.60 -18.42
CA THR B 180 -13.68 -12.33 -19.63
C THR B 180 -15.18 -12.10 -19.87
N LEU B 181 -15.51 -11.43 -20.97
CA LEU B 181 -16.91 -11.11 -21.28
C LEU B 181 -17.58 -12.14 -22.19
N GLY B 182 -16.82 -12.80 -23.02
CA GLY B 182 -17.37 -13.76 -23.97
C GLY B 182 -18.35 -13.07 -24.89
N LYS B 183 -19.43 -13.78 -25.21
CA LYS B 183 -20.53 -13.17 -25.95
C LYS B 183 -21.33 -12.39 -24.95
N SER B 184 -21.30 -11.07 -25.08
CA SER B 184 -21.89 -10.19 -24.10
C SER B 184 -23.22 -9.66 -24.64
N PHE B 185 -24.25 -9.73 -23.81
CA PHE B 185 -25.57 -9.26 -24.17
C PHE B 185 -25.63 -7.76 -23.96
N LEU B 186 -25.87 -7.02 -25.04
CA LEU B 186 -25.96 -5.56 -24.97
C LEU B 186 -27.31 -5.10 -24.46
N GLN B 187 -27.29 -4.47 -23.29
CA GLN B 187 -28.47 -3.86 -22.71
C GLN B 187 -28.21 -2.37 -22.67
N PHE B 188 -28.97 -1.57 -23.41
CA PHE B 188 -28.93 -0.13 -23.24
C PHE B 188 -29.66 0.21 -21.95
N SER B 189 -29.12 1.16 -21.20
CA SER B 189 -29.74 1.56 -19.94
C SER B 189 -30.14 3.01 -20.07
N ALA B 190 -31.16 3.42 -19.33
CA ALA B 190 -31.72 4.76 -19.40
C ALA B 190 -30.87 5.80 -18.66
N MET B 191 -29.80 5.35 -18.00
CA MET B 191 -28.88 6.23 -17.31
C MET B 191 -28.02 6.99 -18.34
N LYS B 192 -27.44 8.05 -18.07
N MET B 193 -26.74 -16.10 -7.07
CA MET B 193 -26.27 -15.36 -8.28
C MET B 193 -27.08 -15.79 -9.52
N ALA B 194 -27.48 -14.81 -10.34
CA ALA B 194 -28.31 -15.06 -11.53
C ALA B 194 -27.52 -15.78 -12.60
N HIS B 195 -28.19 -16.16 -13.68
CA HIS B 195 -27.53 -16.79 -14.82
C HIS B 195 -27.43 -15.79 -15.94
N SER B 196 -26.41 -15.94 -16.78
CA SER B 196 -26.26 -15.13 -17.98
C SER B 196 -27.45 -15.35 -18.91
N PRO B 197 -27.79 -14.33 -19.73
CA PRO B 197 -28.76 -14.54 -20.79
C PRO B 197 -28.38 -15.75 -21.63
N PRO B 198 -29.37 -16.57 -22.01
CA PRO B 198 -29.11 -17.74 -22.85
C PRO B 198 -28.16 -17.47 -24.01
N GLY B 199 -27.14 -18.31 -24.13
CA GLY B 199 -26.15 -18.16 -25.19
C GLY B 199 -25.16 -17.03 -24.97
N HIS B 200 -25.21 -16.39 -23.79
CA HIS B 200 -24.30 -15.25 -23.48
C HIS B 200 -23.49 -15.53 -22.22
N HIS B 201 -22.36 -14.83 -22.08
CA HIS B 201 -21.42 -15.03 -20.95
C HIS B 201 -21.32 -13.81 -20.02
N SER B 202 -22.02 -12.75 -20.38
CA SER B 202 -21.97 -11.52 -19.63
C SER B 202 -23.03 -10.58 -20.18
N VAL B 203 -23.20 -9.46 -19.48
CA VAL B 203 -24.06 -8.37 -19.92
C VAL B 203 -23.27 -7.07 -19.97
N THR B 204 -23.52 -6.32 -21.05
CA THR B 204 -23.00 -4.99 -21.24
C THR B 204 -24.12 -4.01 -21.00
N GLY B 205 -23.99 -3.25 -19.93
CA GLY B 205 -24.95 -2.20 -19.60
C GLY B 205 -24.43 -0.90 -20.12
N ARG B 206 -25.01 -0.39 -21.20
CA ARG B 206 -24.47 0.79 -21.87
C ARG B 206 -25.37 2.00 -21.66
N PRO B 207 -24.85 3.06 -21.04
CA PRO B 207 -25.72 4.23 -20.84
C PRO B 207 -26.14 4.86 -22.17
N SER B 208 -27.43 5.17 -22.30
CA SER B 208 -27.96 5.76 -23.52
C SER B 208 -28.35 7.22 -23.39
N VAL B 209 -28.44 7.75 -22.17
CA VAL B 209 -28.80 9.17 -21.98
C VAL B 209 -27.56 10.03 -21.72
N ASN B 210 -26.76 9.67 -20.73
CA ASN B 210 -25.53 10.39 -20.50
C ASN B 210 -24.42 9.93 -21.46
N GLY B 211 -24.12 10.76 -22.47
CA GLY B 211 -23.19 10.35 -23.52
C GLY B 211 -21.73 10.37 -23.09
N LEU B 212 -21.43 10.91 -21.92
CA LEU B 212 -20.08 10.84 -21.39
C LEU B 212 -19.92 9.63 -20.45
N ALA B 213 -21.01 8.93 -20.13
CA ALA B 213 -20.95 7.77 -19.22
C ALA B 213 -20.52 6.52 -19.98
N LEU B 214 -19.48 5.86 -19.47
CA LEU B 214 -19.00 4.64 -20.13
C LEU B 214 -19.79 3.41 -19.65
N ALA B 215 -19.50 2.27 -20.24
CA ALA B 215 -20.25 1.05 -19.95
C ALA B 215 -19.93 0.45 -18.61
N GLU B 216 -20.89 -0.32 -18.14
CA GLU B 216 -20.74 -1.21 -17.01
C GLU B 216 -20.96 -2.62 -17.54
N TYR B 217 -20.40 -3.61 -16.85
CA TYR B 217 -20.43 -4.99 -17.33
C TYR B 217 -20.71 -5.89 -16.18
N VAL B 218 -21.45 -6.97 -16.44
CA VAL B 218 -21.87 -7.89 -15.41
C VAL B 218 -21.50 -9.30 -15.81
N ILE B 219 -20.90 -10.03 -14.87
CA ILE B 219 -20.61 -11.45 -15.07
C ILE B 219 -21.30 -12.23 -13.99
N TYR B 220 -21.55 -13.51 -14.29
CA TYR B 220 -22.35 -14.35 -13.43
C TYR B 220 -21.55 -15.53 -12.89
N ARG B 221 -20.25 -15.52 -13.16
CA ARG B 221 -19.32 -16.52 -12.68
C ARG B 221 -18.07 -15.80 -12.16
N GLY B 222 -17.68 -16.05 -10.91
CA GLY B 222 -16.52 -15.35 -10.33
C GLY B 222 -15.21 -15.68 -11.01
N GLU B 223 -15.16 -16.86 -11.64
CA GLU B 223 -13.98 -17.31 -12.36
C GLU B 223 -13.75 -16.53 -13.63
N GLN B 224 -14.71 -15.72 -14.05
CA GLN B 224 -14.51 -14.86 -15.23
C GLN B 224 -13.85 -13.52 -14.94
N ALA B 225 -13.29 -13.34 -13.75
CA ALA B 225 -12.56 -12.11 -13.43
C ALA B 225 -11.32 -12.45 -12.60
N TYR B 226 -10.25 -11.71 -12.81
CA TYR B 226 -9.07 -11.84 -11.97
C TYR B 226 -8.68 -10.43 -11.49
N PRO B 227 -8.57 -10.22 -10.16
CA PRO B 227 -8.17 -8.93 -9.55
C PRO B 227 -6.68 -8.64 -9.73
N GLU B 228 -6.32 -8.12 -10.87
CA GLU B 228 -4.93 -8.01 -11.26
C GLU B 228 -4.11 -6.91 -10.57
N TYR B 229 -4.73 -5.75 -10.36
CA TYR B 229 -4.06 -4.60 -9.75
C TYR B 229 -4.92 -4.13 -8.58
N LEU B 230 -4.27 -3.87 -7.45
CA LEU B 230 -4.88 -3.26 -6.28
C LEU B 230 -4.35 -1.83 -6.19
N ILE B 231 -5.25 -0.87 -6.30
CA ILE B 231 -4.90 0.55 -6.38
C ILE B 231 -5.36 1.23 -5.10
N THR B 232 -4.42 1.87 -4.41
CA THR B 232 -4.70 2.64 -3.20
C THR B 232 -4.59 4.11 -3.54
N TYR B 233 -5.60 4.90 -3.16
CA TYR B 233 -5.74 6.29 -3.63
C TYR B 233 -6.58 7.14 -2.69
N GLN B 234 -6.55 8.44 -2.92
CA GLN B 234 -7.46 9.36 -2.30
C GLN B 234 -8.14 10.10 -3.43
N ILE B 235 -9.39 10.47 -3.24
CA ILE B 235 -10.01 11.46 -4.16
C ILE B 235 -9.43 12.83 -3.76
N MET B 236 -9.28 13.74 -4.70
CA MET B 236 -8.73 15.08 -4.45
C MET B 236 -9.82 16.17 -4.47
N ARG B 237 -9.80 17.04 -3.46
CA ARG B 237 -10.72 18.18 -3.41
C ARG B 237 -10.46 19.14 -4.57
N PRO B 238 -11.49 19.48 -5.36
CA PRO B 238 -11.22 20.39 -6.46
C PRO B 238 -10.72 21.77 -6.02
N GLU B 239 -9.85 22.37 -6.82
CA GLU B 239 -9.55 23.81 -6.72
C GLU B 239 -10.51 24.54 -7.62
ZN ZN C . 24.57 -10.82 -1.47
S SO4 D . 3.57 -5.18 3.93
O1 SO4 D . 2.98 -4.29 4.93
O2 SO4 D . 3.21 -6.50 4.41
O3 SO4 D . 2.91 -4.83 2.69
O4 SO4 D . 4.98 -4.93 3.90
S SO4 E . 13.66 -20.35 11.40
O1 SO4 E . 13.55 -20.25 12.86
O2 SO4 E . 14.00 -21.71 10.99
O3 SO4 E . 12.36 -20.03 10.82
O4 SO4 E . 14.69 -19.40 10.96
C1 GOL F . -6.29 -5.35 10.04
O1 GOL F . -7.08 -5.95 11.06
C2 GOL F . -5.29 -4.28 10.56
O2 GOL F . -4.62 -3.47 9.62
C3 GOL F . -6.20 -3.43 11.35
O3 GOL F . -6.77 -4.46 12.08
C1 PEG G . 22.55 8.88 23.08
O1 PEG G . 21.57 8.87 24.15
C2 PEG G . 23.80 9.61 23.53
O2 PEG G . 24.57 10.02 22.39
C3 PEG G . 25.89 10.42 22.74
C4 PEG G . 26.35 11.56 21.84
O4 PEG G . 27.16 12.49 22.57
CAA G1O H . 10.02 2.09 7.32
CAB G1O H . 8.61 2.10 7.19
CAC G1O H . 7.99 2.58 6.04
CAD G1O H . 8.77 3.11 4.99
CAE G1O H . 10.18 3.12 5.13
CAF G1O H . 10.79 2.61 6.30
CAG G1O H . 12.19 2.59 6.46
CAH G1O H . 11.00 3.65 4.12
CAI G1O H . 12.37 3.66 4.28
NAJ G1O H . 12.96 3.13 5.44
OAK G1O H . 12.76 2.11 7.45
NAL G1O H . 8.16 3.59 3.91
CAM G1O H . 10.45 4.27 2.82
ZN ZN I . -12.30 9.67 6.25
S SO4 J . -24.35 8.28 -12.34
O1 SO4 J . -25.78 8.07 -12.31
O2 SO4 J . -23.97 8.45 -10.94
O3 SO4 J . -23.68 7.09 -12.77
O4 SO4 J . -24.00 9.45 -13.10
S SO4 K . -8.88 20.13 -9.64
O1 SO4 K . -10.27 20.28 -10.04
O2 SO4 K . -8.69 18.99 -8.71
O3 SO4 K . -8.11 19.84 -10.84
O4 SO4 K . -8.48 21.37 -8.97
C1 PEG L . -0.86 -11.88 -12.91
O1 PEG L . -1.42 -11.58 -14.19
C2 PEG L . -0.77 -13.40 -12.75
O2 PEG L . -0.49 -13.74 -11.39
C3 PEG L . -0.52 -15.16 -11.16
C4 PEG L . 0.87 -15.70 -10.87
O4 PEG L . 1.02 -16.97 -11.52
CAA G1O M . -19.37 -0.77 -11.13
CAB G1O M . -20.44 -0.46 -11.97
CAC G1O M . -21.75 -0.71 -11.58
CAD G1O M . -22.00 -1.32 -10.33
CAE G1O M . -20.92 -1.66 -9.48
CAF G1O M . -19.60 -1.36 -9.89
CAG G1O M . -18.51 -1.67 -9.08
CAH G1O M . -21.12 -2.27 -8.23
CAI G1O M . -20.02 -2.58 -7.43
NAJ G1O M . -18.72 -2.29 -7.85
OAK G1O M . -17.35 -1.42 -9.42
NAL G1O M . -23.28 -1.56 -10.00
CAM G1O M . -22.50 -2.63 -7.70
#